data_9RGF
#
_entry.id   9RGF
#
_cell.length_a   60.550
_cell.length_b   60.550
_cell.length_c   214.880
_cell.angle_alpha   90.00
_cell.angle_beta   90.00
_cell.angle_gamma   90.00
#
_symmetry.space_group_name_H-M   'P 43 21 2'
#
loop_
_entity.id
_entity.type
_entity.pdbx_description
1 polymer 'Serine protease subunit NS2B'
2 polymer 'Genome polyprotein'
3 non-polymer ~{N}-[(2~{S})-2-(6,7-dihydro-4~{H}-thieno[3,2-c]pyridin-5-yl)propyl]-5-methyl-furan-2-carboxamide
4 water water
#
loop_
_entity_poly.entity_id
_entity_poly.type
_entity_poly.pdbx_seq_one_letter_code
_entity_poly.pdbx_strand_id
1 'polypeptide(L)' MTGKSVDMYIERAGDITWEKDAEVTGNSPRLDVALDESGDFSLVEEDGPPMRE A,C
2 'polypeptide(L)'
;GALWDVPAPKEVKKGETTDGVYRVMTRRLLGSTQVGVGVMQEGVFHTMWHVTKGAALRSGEGRLDPYWGDVKQDLVSYCG
PWKLDAAWDGLSEVQLLAVPPGERAKNIQTLPGIFKTKDGDIGAVALDYPAGTSGSPILDKSGRVIGLYGNGVVIKNGSY
VSAITQGKREEETPVE
;
B,D
#
# COMPACT_ATOMS: atom_id res chain seq x y z
N ASP A 7 7.71 -18.62 -10.17
CA ASP A 7 7.40 -17.87 -11.38
C ASP A 7 7.45 -16.40 -11.06
N MET A 8 8.56 -15.76 -11.38
CA MET A 8 8.67 -14.31 -11.34
C MET A 8 8.51 -13.75 -12.75
N TYR A 9 7.61 -12.78 -12.92
CA TYR A 9 7.22 -12.31 -14.26
C TYR A 9 6.94 -10.81 -14.19
N ILE A 10 6.91 -10.15 -15.36
CA ILE A 10 6.68 -8.70 -15.41
C ILE A 10 5.46 -8.36 -16.26
N GLU A 11 4.84 -7.22 -15.92
CA GLU A 11 3.64 -6.71 -16.57
C GLU A 11 3.77 -5.20 -16.72
N ARG A 12 3.57 -4.71 -17.95
CA ARG A 12 3.69 -3.27 -18.17
C ARG A 12 2.60 -2.51 -17.40
N ALA A 13 3.02 -1.42 -16.74
CA ALA A 13 2.11 -0.60 -15.95
C ALA A 13 2.00 0.85 -16.43
N GLY A 14 2.87 1.30 -17.33
CA GLY A 14 2.69 2.64 -17.85
C GLY A 14 3.91 3.16 -18.58
N ASP A 15 3.74 4.36 -19.14
CA ASP A 15 4.84 5.11 -19.73
C ASP A 15 5.65 5.81 -18.63
N ILE A 16 6.91 6.11 -18.92
CA ILE A 16 7.73 6.91 -18.01
C ILE A 16 7.56 8.37 -18.41
N THR A 17 6.72 9.09 -17.68
N THR A 17 6.70 9.08 -17.69
CA THR A 17 6.40 10.47 -18.01
CA THR A 17 6.42 10.47 -17.99
C THR A 17 6.18 11.28 -16.75
C THR A 17 6.28 11.26 -16.69
N TRP A 18 6.63 12.53 -16.78
CA TRP A 18 6.30 13.50 -15.74
C TRP A 18 4.84 13.90 -15.87
N GLU A 19 4.15 14.09 -14.74
CA GLU A 19 2.75 14.49 -14.73
C GLU A 19 2.59 15.85 -14.08
N LYS A 20 2.01 16.80 -14.84
CA LYS A 20 1.91 18.18 -14.37
C LYS A 20 1.08 18.33 -13.11
N ASP A 21 0.03 17.51 -12.95
CA ASP A 21 -0.89 17.66 -11.83
C ASP A 21 -0.65 16.64 -10.73
N ALA A 22 0.60 16.21 -10.54
CA ALA A 22 0.89 15.23 -9.52
C ALA A 22 0.69 15.80 -8.11
N GLU A 23 0.23 14.94 -7.22
CA GLU A 23 0.31 15.21 -5.79
C GLU A 23 1.74 15.53 -5.40
N VAL A 24 1.90 16.42 -4.41
CA VAL A 24 3.22 16.86 -3.95
C VAL A 24 3.28 16.63 -2.45
N THR A 25 4.32 15.93 -1.98
CA THR A 25 4.41 15.69 -0.55
C THR A 25 5.84 15.28 -0.20
N GLY A 26 6.09 15.18 1.09
CA GLY A 26 7.36 14.69 1.60
C GLY A 26 8.33 15.82 1.93
N ASN A 27 9.15 15.61 2.96
N ASN A 27 9.19 15.56 2.91
CA ASN A 27 10.14 16.62 3.31
CA ASN A 27 10.21 16.51 3.37
C ASN A 27 11.50 16.23 2.73
C ASN A 27 11.50 16.34 2.56
N SER A 28 12.54 17.00 3.07
N SER A 28 12.58 16.99 3.02
CA SER A 28 13.85 16.90 2.42
CA SER A 28 13.90 16.90 2.38
C SER A 28 14.96 16.84 3.47
C SER A 28 14.98 16.83 3.45
N PRO A 29 15.05 15.74 4.20
CA PRO A 29 16.03 15.65 5.28
C PRO A 29 17.46 15.53 4.76
N ARG A 30 18.39 16.12 5.51
CA ARG A 30 19.82 15.99 5.24
C ARG A 30 20.40 15.06 6.30
N LEU A 31 20.91 13.92 5.86
CA LEU A 31 21.32 12.83 6.75
C LEU A 31 22.72 12.39 6.41
N ASP A 32 23.51 12.17 7.46
CA ASP A 32 24.82 11.53 7.33
C ASP A 32 24.63 10.03 7.35
N VAL A 33 25.10 9.33 6.32
CA VAL A 33 24.91 7.88 6.24
C VAL A 33 26.19 7.20 5.78
N ALA A 34 26.24 5.90 6.07
CA ALA A 34 27.30 5.03 5.58
C ALA A 34 26.66 3.86 4.85
N LEU A 35 27.36 3.36 3.84
CA LEU A 35 26.88 2.28 2.98
C LEU A 35 27.83 1.11 3.15
N ASP A 36 27.32 -0.04 3.59
CA ASP A 36 28.22 -1.15 3.86
C ASP A 36 28.23 -2.12 2.69
N GLU A 37 29.03 -3.18 2.84
CA GLU A 37 29.31 -4.05 1.72
C GLU A 37 28.05 -4.74 1.22
N SER A 38 27.07 -4.93 2.09
CA SER A 38 25.81 -5.59 1.77
C SER A 38 24.79 -4.66 1.15
N GLY A 39 25.18 -3.43 0.84
CA GLY A 39 24.27 -2.48 0.27
C GLY A 39 23.36 -1.82 1.27
N ASP A 40 23.61 -1.98 2.57
CA ASP A 40 22.74 -1.42 3.60
C ASP A 40 23.24 -0.05 4.01
N PHE A 41 22.35 0.94 3.95
CA PHE A 41 22.63 2.24 4.51
C PHE A 41 22.37 2.24 6.01
N SER A 42 23.20 2.98 6.74
CA SER A 42 23.00 3.16 8.16
C SER A 42 23.29 4.61 8.52
N LEU A 43 22.63 5.11 9.56
CA LEU A 43 22.92 6.45 10.03
C LEU A 43 24.30 6.51 10.67
N VAL A 44 24.97 7.66 10.51
CA VAL A 44 26.26 7.94 11.11
C VAL A 44 26.14 9.20 11.97
N GLU A 45 26.75 9.17 13.15
CA GLU A 45 26.92 10.35 13.99
C GLU A 45 28.40 10.70 14.15
N THR B 17 8.90 -5.84 -24.45
CA THR B 17 10.16 -5.14 -24.67
C THR B 17 9.93 -3.63 -24.73
N THR B 18 8.65 -3.24 -24.76
CA THR B 18 8.27 -1.84 -24.86
C THR B 18 8.85 -1.05 -23.69
N ASP B 19 9.37 0.14 -24.01
CA ASP B 19 9.78 1.07 -22.97
C ASP B 19 8.64 1.29 -21.99
N GLY B 20 8.98 1.38 -20.71
CA GLY B 20 7.98 1.79 -19.73
C GLY B 20 8.32 1.28 -18.35
N VAL B 21 7.37 1.50 -17.42
CA VAL B 21 7.49 1.00 -16.06
C VAL B 21 6.66 -0.28 -15.96
N TYR B 22 7.17 -1.29 -15.24
CA TYR B 22 6.58 -2.63 -15.17
C TYR B 22 6.47 -3.06 -13.72
N ARG B 23 5.39 -3.79 -13.38
CA ARG B 23 5.33 -4.54 -12.12
C ARG B 23 6.17 -5.79 -12.22
N VAL B 24 6.80 -6.15 -11.10
CA VAL B 24 7.50 -7.42 -10.94
C VAL B 24 6.65 -8.28 -10.00
N MET B 25 6.16 -9.40 -10.51
CA MET B 25 5.20 -10.26 -9.84
C MET B 25 5.82 -11.61 -9.54
N THR B 26 5.31 -12.29 -8.52
CA THR B 26 5.67 -13.68 -8.25
C THR B 26 4.41 -14.50 -8.01
N ARG B 27 4.48 -15.76 -8.41
CA ARG B 27 3.48 -16.78 -8.08
C ARG B 27 4.14 -17.91 -7.30
N GLY B 31 -1.97 -17.72 -5.84
CA GLY B 31 -2.19 -16.29 -6.02
C GLY B 31 -0.92 -15.53 -6.37
N SER B 32 -1.06 -14.32 -6.90
CA SER B 32 0.09 -13.51 -7.28
C SER B 32 0.30 -12.39 -6.28
N THR B 33 1.54 -11.96 -6.17
CA THR B 33 1.98 -10.91 -5.27
C THR B 33 2.91 -10.01 -6.05
N GLN B 34 2.82 -8.70 -5.83
CA GLN B 34 3.77 -7.79 -6.44
C GLN B 34 4.98 -7.63 -5.51
N VAL B 35 6.16 -8.02 -5.98
CA VAL B 35 7.37 -7.85 -5.16
C VAL B 35 8.18 -6.60 -5.53
N GLY B 36 7.91 -5.96 -6.65
CA GLY B 36 8.69 -4.79 -7.01
C GLY B 36 8.26 -4.22 -8.35
N VAL B 37 9.11 -3.36 -8.87
CA VAL B 37 8.86 -2.56 -10.07
C VAL B 37 10.19 -2.45 -10.80
N GLY B 38 10.12 -2.21 -12.11
CA GLY B 38 11.33 -1.88 -12.84
C GLY B 38 11.06 -1.08 -14.09
N VAL B 39 12.15 -0.72 -14.77
CA VAL B 39 12.14 0.18 -15.93
C VAL B 39 12.68 -0.57 -17.14
N MET B 40 11.91 -0.58 -18.22
CA MET B 40 12.40 -1.02 -19.51
C MET B 40 12.83 0.21 -20.30
N GLN B 41 14.10 0.23 -20.73
CA GLN B 41 14.59 1.29 -21.59
C GLN B 41 15.66 0.70 -22.50
N GLU B 42 15.58 1.01 -23.79
CA GLU B 42 16.59 0.57 -24.76
C GLU B 42 16.77 -0.95 -24.72
N GLY B 43 15.66 -1.66 -24.50
CA GLY B 43 15.66 -3.12 -24.54
C GLY B 43 16.25 -3.79 -23.32
N VAL B 44 16.49 -3.04 -22.25
CA VAL B 44 17.09 -3.57 -21.04
C VAL B 44 16.12 -3.30 -19.89
N PHE B 45 15.95 -4.29 -19.02
CA PHE B 45 15.07 -4.14 -17.85
C PHE B 45 15.93 -3.85 -16.64
N HIS B 46 15.57 -2.80 -15.91
CA HIS B 46 16.34 -2.30 -14.78
C HIS B 46 15.49 -2.41 -13.50
N THR B 47 16.04 -3.04 -12.47
CA THR B 47 15.33 -3.06 -11.17
C THR B 47 16.36 -3.14 -10.05
N MET B 48 15.90 -3.29 -8.82
CA MET B 48 16.80 -3.34 -7.67
C MET B 48 17.13 -4.80 -7.36
N TRP B 49 18.38 -5.05 -6.99
CA TRP B 49 18.83 -6.42 -6.77
C TRP B 49 17.95 -7.14 -5.76
N HIS B 50 17.59 -6.46 -4.66
CA HIS B 50 16.83 -7.09 -3.58
C HIS B 50 15.43 -7.49 -4.02
N VAL B 51 14.95 -6.99 -5.16
CA VAL B 51 13.63 -7.37 -5.65
C VAL B 51 13.66 -8.77 -6.25
N THR B 52 14.63 -9.03 -7.13
CA THR B 52 14.68 -10.29 -7.85
C THR B 52 15.76 -11.25 -7.38
N LYS B 53 16.77 -10.75 -6.64
CA LYS B 53 17.92 -11.56 -6.22
C LYS B 53 18.59 -12.18 -7.44
N GLY B 54 18.42 -11.55 -8.60
CA GLY B 54 19.08 -11.99 -9.82
C GLY B 54 18.39 -13.13 -10.53
N ALA B 55 17.16 -13.46 -10.15
CA ALA B 55 16.45 -14.53 -10.82
C ALA B 55 16.00 -14.12 -12.22
N ALA B 56 15.88 -15.12 -13.11
CA ALA B 56 15.33 -14.86 -14.44
C ALA B 56 13.88 -14.40 -14.32
N LEU B 57 13.46 -13.58 -15.29
CA LEU B 57 12.11 -13.02 -15.31
C LEU B 57 11.37 -13.49 -16.54
N ARG B 58 10.09 -13.79 -16.37
CA ARG B 58 9.23 -14.10 -17.51
C ARG B 58 8.57 -12.81 -18.01
N SER B 59 8.46 -12.67 -19.33
CA SER B 59 7.76 -11.55 -19.93
C SER B 59 6.88 -12.14 -21.03
N GLY B 60 5.62 -12.40 -20.70
CA GLY B 60 4.74 -13.07 -21.65
C GLY B 60 5.26 -14.47 -21.87
N GLU B 61 5.57 -14.80 -23.11
CA GLU B 61 6.16 -16.09 -23.43
C GLU B 61 7.69 -16.06 -23.40
N GLY B 62 8.27 -14.87 -23.22
CA GLY B 62 9.72 -14.72 -23.28
C GLY B 62 10.37 -14.81 -21.91
N ARG B 63 11.69 -14.94 -21.93
CA ARG B 63 12.49 -15.01 -20.70
C ARG B 63 13.57 -13.94 -20.74
N LEU B 64 13.72 -13.23 -19.63
CA LEU B 64 14.76 -12.22 -19.47
C LEU B 64 15.80 -12.76 -18.50
N ASP B 65 17.07 -12.83 -18.94
CA ASP B 65 18.13 -13.31 -18.07
C ASP B 65 18.95 -12.16 -17.52
N PRO B 66 19.44 -12.27 -16.28
CA PRO B 66 20.26 -11.20 -15.73
C PRO B 66 21.55 -11.01 -16.51
N TYR B 67 21.98 -9.77 -16.60
CA TYR B 67 23.16 -9.41 -17.38
C TYR B 67 24.25 -8.78 -16.53
N TRP B 68 23.86 -7.90 -15.63
CA TRP B 68 24.80 -7.24 -14.73
C TRP B 68 24.09 -7.08 -13.40
N GLY B 69 24.82 -7.23 -12.31
CA GLY B 69 24.20 -6.96 -11.02
C GLY B 69 25.24 -6.66 -9.96
N ASP B 70 24.79 -5.95 -8.92
CA ASP B 70 25.71 -5.53 -7.84
C ASP B 70 24.94 -5.35 -6.54
N VAL B 71 25.26 -6.18 -5.55
CA VAL B 71 24.57 -6.13 -4.26
C VAL B 71 24.81 -4.80 -3.55
N LYS B 72 26.03 -4.24 -3.63
CA LYS B 72 26.27 -3.01 -2.87
C LYS B 72 25.48 -1.85 -3.45
N GLN B 73 25.41 -1.75 -4.77
CA GLN B 73 24.55 -0.73 -5.38
C GLN B 73 23.08 -1.10 -5.30
N ASP B 74 22.79 -2.38 -5.02
CA ASP B 74 21.42 -2.91 -5.00
C ASP B 74 20.73 -2.74 -6.34
N LEU B 75 21.44 -3.05 -7.42
CA LEU B 75 20.90 -2.86 -8.76
C LEU B 75 21.14 -4.10 -9.62
N VAL B 76 20.30 -4.26 -10.64
CA VAL B 76 20.46 -5.37 -11.58
C VAL B 76 19.87 -4.94 -12.92
N SER B 77 20.48 -5.40 -14.01
CA SER B 77 19.92 -5.22 -15.34
C SER B 77 19.76 -6.57 -16.03
N TYR B 78 18.76 -6.65 -16.92
CA TYR B 78 18.46 -7.84 -17.70
C TYR B 78 18.56 -7.51 -19.18
N CYS B 79 19.11 -8.45 -19.95
CA CYS B 79 19.20 -8.43 -21.42
C CYS B 79 20.32 -7.52 -21.93
N GLY B 80 20.93 -6.71 -21.10
CA GLY B 80 22.03 -5.88 -21.55
C GLY B 80 22.52 -5.03 -20.39
N PRO B 81 23.48 -4.15 -20.64
CA PRO B 81 24.07 -3.36 -19.56
C PRO B 81 23.13 -2.25 -19.12
N TRP B 82 23.36 -1.76 -17.90
CA TRP B 82 22.58 -0.66 -17.33
C TRP B 82 22.60 0.56 -18.25
N LYS B 83 21.42 1.11 -18.55
CA LYS B 83 21.29 2.18 -19.54
C LYS B 83 20.97 3.54 -18.94
N LEU B 84 20.50 3.60 -17.69
CA LEU B 84 20.01 4.85 -17.11
C LEU B 84 21.17 5.65 -16.53
N ASP B 85 21.33 6.90 -16.96
CA ASP B 85 22.47 7.67 -16.47
C ASP B 85 22.15 9.09 -16.02
N ALA B 86 20.91 9.55 -16.11
CA ALA B 86 20.60 10.90 -15.64
C ALA B 86 20.77 11.00 -14.12
N ALA B 87 21.07 12.20 -13.63
CA ALA B 87 21.31 12.40 -12.22
C ALA B 87 20.51 13.60 -11.70
N TRP B 88 20.08 13.50 -10.44
CA TRP B 88 19.46 14.65 -9.79
C TRP B 88 20.37 15.87 -9.87
N ASP B 89 19.77 17.03 -10.14
CA ASP B 89 20.56 18.24 -10.27
C ASP B 89 20.87 18.90 -8.93
N GLY B 90 20.36 18.34 -7.83
CA GLY B 90 20.61 18.86 -6.49
C GLY B 90 19.73 20.02 -6.06
N LEU B 91 18.86 20.53 -6.94
CA LEU B 91 18.08 21.74 -6.63
C LEU B 91 16.59 21.59 -6.88
N SER B 92 16.23 20.81 -7.91
CA SER B 92 14.88 20.76 -8.44
C SER B 92 14.04 19.65 -7.80
N GLU B 93 12.73 19.86 -7.80
CA GLU B 93 11.83 18.77 -7.44
C GLU B 93 11.87 17.68 -8.51
N VAL B 94 11.52 16.47 -8.07
CA VAL B 94 11.53 15.26 -8.88
C VAL B 94 10.17 14.60 -8.70
N GLN B 95 9.93 13.55 -9.49
CA GLN B 95 8.70 12.78 -9.31
C GLN B 95 9.03 11.30 -9.14
N LEU B 96 8.49 10.70 -8.10
CA LEU B 96 8.47 9.24 -8.00
C LEU B 96 7.31 8.73 -8.83
N LEU B 97 7.61 7.91 -9.84
CA LEU B 97 6.57 7.25 -10.63
C LEU B 97 6.30 5.92 -9.92
N ALA B 98 5.44 6.00 -8.90
CA ALA B 98 5.16 4.83 -8.06
C ALA B 98 4.22 3.88 -8.77
N VAL B 99 4.52 2.59 -8.69
CA VAL B 99 3.57 1.57 -9.15
C VAL B 99 3.19 0.71 -7.96
N PRO B 100 2.19 1.13 -7.20
CA PRO B 100 1.85 0.43 -5.98
C PRO B 100 1.09 -0.85 -6.29
N PRO B 101 1.24 -1.87 -5.44
CA PRO B 101 0.45 -3.10 -5.62
C PRO B 101 -1.04 -2.81 -5.71
N GLY B 102 -1.69 -3.38 -6.74
CA GLY B 102 -3.14 -3.27 -6.90
C GLY B 102 -3.68 -1.93 -7.36
N GLU B 103 -2.82 -0.99 -7.78
CA GLU B 103 -3.24 0.35 -8.15
C GLU B 103 -2.53 0.81 -9.41
N ARG B 104 -3.16 1.76 -10.10
CA ARG B 104 -2.56 2.30 -11.32
C ARG B 104 -1.28 3.08 -10.98
N ALA B 105 -0.35 3.12 -11.93
CA ALA B 105 0.85 3.94 -11.79
C ALA B 105 0.48 5.38 -11.48
N LYS B 106 1.22 6.00 -10.56
CA LYS B 106 0.87 7.30 -10.00
C LYS B 106 2.11 8.13 -9.70
N ASN B 107 2.10 9.41 -10.11
CA ASN B 107 3.25 10.28 -9.88
C ASN B 107 3.14 11.04 -8.55
N ILE B 108 4.23 11.06 -7.79
CA ILE B 108 4.34 11.80 -6.53
C ILE B 108 5.52 12.75 -6.64
N GLN B 109 5.26 14.06 -6.55
CA GLN B 109 6.31 15.05 -6.67
C GLN B 109 6.86 15.41 -5.29
N THR B 110 8.18 15.68 -5.24
CA THR B 110 8.84 15.94 -3.97
C THR B 110 10.16 16.65 -4.23
N LEU B 111 10.63 17.41 -3.22
CA LEU B 111 12.00 17.90 -3.24
C LEU B 111 12.89 16.92 -2.47
N PRO B 112 13.87 16.26 -3.13
CA PRO B 112 14.75 15.34 -2.39
C PRO B 112 15.51 16.04 -1.27
N GLY B 113 15.74 15.29 -0.19
CA GLY B 113 16.81 15.61 0.74
C GLY B 113 18.11 15.01 0.23
N ILE B 114 19.07 14.83 1.15
CA ILE B 114 20.41 14.39 0.78
C ILE B 114 20.91 13.32 1.76
N PHE B 115 21.47 12.25 1.22
CA PHE B 115 22.36 11.36 1.96
C PHE B 115 23.79 11.89 1.81
N LYS B 116 24.40 12.31 2.91
CA LYS B 116 25.80 12.71 2.92
C LYS B 116 26.67 11.50 3.27
N THR B 117 27.54 11.09 2.33
CA THR B 117 28.39 9.94 2.55
C THR B 117 29.85 10.34 2.33
N LYS B 118 30.75 9.49 2.82
CA LYS B 118 32.17 9.78 2.66
C LYS B 118 32.61 9.78 1.21
N ASP B 119 31.78 9.27 0.30
CA ASP B 119 32.07 9.25 -1.13
C ASP B 119 31.21 10.24 -1.91
N GLY B 120 30.55 11.17 -1.25
CA GLY B 120 29.75 12.18 -1.92
C GLY B 120 28.28 12.09 -1.52
N ASP B 121 27.53 13.08 -2.00
CA ASP B 121 26.12 13.20 -1.67
C ASP B 121 25.25 12.45 -2.68
N ILE B 122 24.18 11.84 -2.18
CA ILE B 122 23.17 11.15 -2.96
C ILE B 122 21.83 11.78 -2.64
N GLY B 123 21.02 12.07 -3.66
CA GLY B 123 19.67 12.52 -3.38
C GLY B 123 18.86 11.44 -2.68
N ALA B 124 17.87 11.88 -1.91
CA ALA B 124 17.06 10.94 -1.12
C ALA B 124 15.64 11.47 -1.04
N VAL B 125 14.66 10.57 -1.14
CA VAL B 125 13.24 10.98 -1.08
C VAL B 125 12.58 10.41 0.18
N ALA B 126 11.93 11.30 0.94
CA ALA B 126 11.30 10.94 2.21
C ALA B 126 9.86 10.54 1.99
N LEU B 127 9.71 9.44 1.28
CA LEU B 127 8.42 8.88 0.91
C LEU B 127 8.45 7.43 1.36
N ASP B 128 7.34 6.97 1.96
CA ASP B 128 7.29 5.67 2.63
C ASP B 128 6.11 4.88 2.08
N TYR B 129 6.36 4.10 1.02
CA TYR B 129 5.33 3.33 0.32
C TYR B 129 5.56 1.83 0.46
N PRO B 130 4.58 1.00 0.09
CA PRO B 130 4.72 -0.45 0.31
C PRO B 130 5.95 -1.04 -0.38
N ALA B 131 6.48 -2.12 0.23
CA ALA B 131 7.70 -2.76 -0.29
C ALA B 131 7.59 -3.09 -1.77
N GLY B 132 6.40 -3.47 -2.23
CA GLY B 132 6.22 -3.86 -3.62
C GLY B 132 6.40 -2.73 -4.60
N THR B 133 6.56 -1.49 -4.11
N THR B 133 6.56 -1.48 -4.14
CA THR B 133 6.90 -0.33 -4.91
CA THR B 133 6.92 -0.37 -5.03
C THR B 133 8.41 -0.22 -5.18
C THR B 133 8.42 -0.25 -5.23
N SER B 134 9.23 -1.07 -4.55
CA SER B 134 10.69 -0.99 -4.72
C SER B 134 11.04 -1.19 -6.19
N GLY B 135 11.93 -0.34 -6.71
CA GLY B 135 12.28 -0.35 -8.11
C GLY B 135 11.53 0.68 -8.93
N SER B 136 10.56 1.37 -8.32
CA SER B 136 9.87 2.42 -9.05
C SER B 136 10.86 3.53 -9.42
N PRO B 137 10.73 4.11 -10.61
CA PRO B 137 11.69 5.12 -11.06
C PRO B 137 11.38 6.48 -10.50
N ILE B 138 12.44 7.22 -10.27
CA ILE B 138 12.37 8.64 -9.89
C ILE B 138 12.81 9.43 -11.12
N LEU B 139 12.06 10.49 -11.45
CA LEU B 139 12.21 11.18 -12.72
C LEU B 139 12.58 12.65 -12.50
N ASP B 140 13.37 13.20 -13.42
CA ASP B 140 13.54 14.64 -13.46
C ASP B 140 12.47 15.28 -14.35
N LYS B 141 12.49 16.61 -14.43
CA LYS B 141 11.45 17.37 -15.13
C LYS B 141 11.40 17.03 -16.62
N SER B 142 12.49 16.52 -17.18
CA SER B 142 12.50 16.09 -18.57
C SER B 142 11.95 14.68 -18.77
N GLY B 143 11.57 14.00 -17.70
CA GLY B 143 11.12 12.63 -17.82
C GLY B 143 12.22 11.59 -17.83
N ARG B 144 13.47 11.97 -17.59
CA ARG B 144 14.57 10.99 -17.54
C ARG B 144 14.63 10.33 -16.17
N VAL B 145 14.98 9.04 -16.13
CA VAL B 145 15.05 8.32 -14.87
C VAL B 145 16.38 8.64 -14.20
N ILE B 146 16.32 9.30 -13.03
CA ILE B 146 17.52 9.65 -12.28
C ILE B 146 17.85 8.62 -11.19
N GLY B 147 17.05 7.59 -11.03
CA GLY B 147 17.37 6.51 -10.11
C GLY B 147 16.12 5.72 -9.77
N LEU B 148 16.33 4.71 -8.93
CA LEU B 148 15.24 3.85 -8.49
C LEU B 148 14.99 3.94 -6.99
N TYR B 149 13.71 3.79 -6.61
CA TYR B 149 13.23 3.89 -5.24
C TYR B 149 13.31 2.55 -4.52
N GLY B 150 13.74 2.57 -3.26
CA GLY B 150 13.60 1.37 -2.47
C GLY B 150 14.80 0.84 -1.70
N ASN B 151 15.92 1.54 -1.68
CA ASN B 151 17.02 1.23 -0.76
C ASN B 151 17.29 2.48 0.07
N GLY B 152 17.18 2.37 1.38
CA GLY B 152 17.23 3.55 2.21
C GLY B 152 17.51 3.30 3.68
N VAL B 153 17.05 4.24 4.51
CA VAL B 153 17.27 4.21 5.95
C VAL B 153 16.01 4.70 6.64
N VAL B 154 15.92 4.42 7.94
CA VAL B 154 14.84 4.92 8.79
C VAL B 154 15.38 6.00 9.71
N ILE B 155 14.64 7.12 9.81
CA ILE B 155 15.00 8.18 10.76
C ILE B 155 14.04 8.27 11.93
N GLY B 158 10.72 6.80 12.78
CA GLY B 158 10.13 5.65 12.12
C GLY B 158 9.85 5.84 10.64
N SER B 159 10.18 7.03 10.12
CA SER B 159 9.92 7.35 8.71
C SER B 159 11.07 6.86 7.83
N TYR B 160 10.71 6.18 6.76
CA TYR B 160 11.70 5.70 5.81
C TYR B 160 12.10 6.83 4.85
N VAL B 161 13.37 6.82 4.46
CA VAL B 161 13.91 7.73 3.44
C VAL B 161 14.69 6.88 2.45
N SER B 162 14.31 6.95 1.16
CA SER B 162 14.96 6.18 0.10
C SER B 162 16.08 6.96 -0.56
N ALA B 163 17.24 6.31 -0.74
CA ALA B 163 18.21 6.88 -1.66
C ALA B 163 17.59 6.96 -3.06
N ILE B 164 18.03 7.93 -3.85
CA ILE B 164 17.80 7.89 -5.30
C ILE B 164 18.98 7.10 -5.88
N THR B 165 18.77 5.80 -6.12
CA THR B 165 19.84 4.89 -6.52
C THR B 165 19.94 4.84 -8.04
N GLN B 166 21.09 5.28 -8.56
CA GLN B 166 21.38 5.26 -9.99
C GLN B 166 22.62 4.41 -10.24
N GLY B 167 22.61 3.72 -11.39
CA GLY B 167 23.75 2.94 -11.83
C GLY B 167 24.68 3.74 -12.73
N LYS B 168 25.54 3.01 -13.42
CA LYS B 168 26.54 3.59 -14.30
C LYS B 168 26.35 3.07 -15.72
N ARG B 169 26.31 3.98 -16.68
CA ARG B 169 26.23 3.62 -18.08
C ARG B 169 27.57 3.87 -18.77
N VAL C 6 -28.53 -3.99 -7.39
CA VAL C 6 -28.33 -2.82 -8.22
C VAL C 6 -26.95 -2.84 -8.89
N ASP C 7 -26.08 -1.91 -8.51
CA ASP C 7 -24.77 -1.76 -9.13
C ASP C 7 -23.69 -2.62 -8.48
N MET C 8 -23.90 -3.11 -7.27
CA MET C 8 -22.84 -3.77 -6.51
C MET C 8 -23.29 -5.14 -6.02
N TYR C 9 -22.31 -6.03 -5.83
CA TYR C 9 -22.59 -7.38 -5.36
C TYR C 9 -21.42 -7.80 -4.49
N ILE C 10 -21.65 -8.81 -3.66
CA ILE C 10 -20.62 -9.31 -2.75
C ILE C 10 -20.24 -10.73 -3.16
N GLU C 11 -18.95 -11.07 -2.97
CA GLU C 11 -18.46 -12.42 -3.25
C GLU C 11 -17.48 -12.84 -2.17
N ARG C 12 -17.57 -14.10 -1.77
CA ARG C 12 -16.78 -14.58 -0.64
C ARG C 12 -15.29 -14.44 -0.91
N ALA C 13 -14.54 -14.06 0.14
CA ALA C 13 -13.09 -14.00 0.09
C ALA C 13 -12.38 -14.81 1.18
N GLY C 14 -13.07 -15.30 2.19
CA GLY C 14 -12.41 -16.19 3.15
C GLY C 14 -13.20 -16.32 4.43
N ASP C 15 -12.72 -17.21 5.29
CA ASP C 15 -13.15 -17.32 6.67
C ASP C 15 -12.43 -16.25 7.49
N ILE C 16 -12.99 -15.91 8.64
CA ILE C 16 -12.36 -14.92 9.51
C ILE C 16 -11.69 -15.66 10.66
N THR C 17 -10.35 -15.70 10.65
CA THR C 17 -9.59 -16.37 11.70
C THR C 17 -8.28 -15.63 11.92
N TRP C 18 -7.82 -15.67 13.16
CA TRP C 18 -6.46 -15.28 13.49
C TRP C 18 -5.49 -16.31 12.92
N GLU C 19 -4.34 -15.84 12.41
CA GLU C 19 -3.33 -16.72 11.85
C GLU C 19 -2.08 -16.67 12.74
N LYS C 20 -1.72 -17.82 13.33
CA LYS C 20 -0.60 -17.83 14.27
C LYS C 20 0.73 -17.47 13.60
N ASP C 21 0.91 -17.83 12.33
CA ASP C 21 2.19 -17.58 11.67
C ASP C 21 2.19 -16.33 10.81
N ALA C 22 1.51 -15.26 11.23
CA ALA C 22 1.38 -14.07 10.41
C ALA C 22 2.58 -13.14 10.57
N GLU C 23 2.95 -12.48 9.47
CA GLU C 23 3.97 -11.45 9.51
C GLU C 23 3.57 -10.33 10.48
N VAL C 24 4.54 -9.82 11.23
CA VAL C 24 4.32 -8.68 12.11
C VAL C 24 4.98 -7.46 11.48
N THR C 25 4.24 -6.36 11.37
CA THR C 25 4.81 -5.21 10.71
C THR C 25 4.04 -3.95 11.12
N GLY C 26 4.56 -2.82 10.69
CA GLY C 26 3.90 -1.54 10.93
C GLY C 26 4.40 -0.88 12.21
N ASN C 27 4.35 0.45 12.22
CA ASN C 27 4.66 1.14 13.47
C ASN C 27 3.35 1.42 14.23
N SER C 28 3.43 2.24 15.27
CA SER C 28 2.33 2.48 16.21
C SER C 28 2.24 3.97 16.48
N PRO C 29 1.86 4.76 15.48
CA PRO C 29 1.92 6.22 15.64
C PRO C 29 0.81 6.75 16.54
N ARG C 30 1.16 7.81 17.28
CA ARG C 30 0.20 8.58 18.07
C ARG C 30 0.01 9.90 17.35
N LEU C 31 -1.20 10.09 16.80
CA LEU C 31 -1.52 11.19 15.89
C LEU C 31 -2.71 11.99 16.40
N ASP C 32 -2.58 13.31 16.41
CA ASP C 32 -3.71 14.19 16.68
C ASP C 32 -4.54 14.34 15.41
N VAL C 33 -5.81 13.96 15.44
CA VAL C 33 -6.67 14.04 14.27
C VAL C 33 -7.99 14.69 14.62
N ALA C 34 -8.67 15.17 13.57
CA ALA C 34 -10.04 15.68 13.65
C ALA C 34 -10.94 14.81 12.78
N LEU C 35 -12.18 14.59 13.24
CA LEU C 35 -13.19 13.87 12.50
C LEU C 35 -14.30 14.86 12.18
N ASP C 36 -14.55 15.08 10.89
CA ASP C 36 -15.57 16.09 10.58
C ASP C 36 -16.92 15.40 10.39
N GLU C 37 -17.95 16.25 10.22
CA GLU C 37 -19.32 15.74 10.18
C GLU C 37 -19.54 14.84 8.97
N SER C 38 -18.69 14.90 7.96
CA SER C 38 -18.79 13.99 6.83
C SER C 38 -18.13 12.65 7.07
N GLY C 39 -17.57 12.42 8.25
CA GLY C 39 -16.88 11.16 8.52
C GLY C 39 -15.45 11.10 8.01
N ASP C 40 -14.84 12.23 7.67
CA ASP C 40 -13.47 12.27 7.18
C ASP C 40 -12.50 12.67 8.29
N PHE C 41 -11.40 11.91 8.42
CA PHE C 41 -10.33 12.25 9.33
C PHE C 41 -9.32 13.18 8.64
N SER C 42 -8.74 14.09 9.45
CA SER C 42 -7.65 14.94 8.99
C SER C 42 -6.62 15.10 10.11
N LEU C 43 -5.38 15.38 9.72
CA LEU C 43 -4.36 15.73 10.70
C LEU C 43 -4.57 17.14 11.23
N VAL C 44 -4.33 17.31 12.52
CA VAL C 44 -4.52 18.61 13.16
C VAL C 44 -3.24 19.42 12.98
N GLU C 45 -3.38 20.68 12.59
CA GLU C 45 -2.24 21.60 12.48
C GLU C 45 -1.87 22.15 13.84
N LYS D 13 -29.04 -26.67 6.10
CA LYS D 13 -29.58 -26.85 7.45
C LYS D 13 -30.20 -25.54 7.97
N LYS D 14 -31.28 -25.68 8.74
CA LYS D 14 -31.92 -24.49 9.28
C LYS D 14 -31.01 -23.84 10.31
N GLY D 15 -30.77 -22.53 10.14
CA GLY D 15 -29.84 -21.78 10.95
C GLY D 15 -28.44 -21.66 10.39
N GLU D 16 -28.16 -22.26 9.23
CA GLU D 16 -26.79 -22.26 8.71
C GLU D 16 -26.55 -20.95 7.94
N THR D 17 -25.89 -19.99 8.59
CA THR D 17 -25.57 -18.70 7.99
C THR D 17 -24.12 -18.68 7.53
N THR D 18 -23.86 -17.90 6.47
CA THR D 18 -22.60 -17.97 5.73
C THR D 18 -21.61 -16.89 6.17
N ASP D 19 -21.09 -17.06 7.39
CA ASP D 19 -20.10 -16.14 7.93
C ASP D 19 -18.86 -16.08 7.05
N GLY D 20 -18.22 -14.93 7.01
CA GLY D 20 -16.94 -14.81 6.35
C GLY D 20 -16.67 -13.37 5.95
N VAL D 21 -15.55 -13.19 5.26
CA VAL D 21 -15.19 -11.89 4.70
C VAL D 21 -15.49 -11.93 3.21
N TYR D 22 -16.00 -10.82 2.67
CA TYR D 22 -16.51 -10.73 1.30
C TYR D 22 -15.92 -9.50 0.62
N ARG D 23 -15.67 -9.62 -0.68
CA ARG D 23 -15.36 -8.46 -1.52
C ARG D 23 -16.65 -7.79 -1.94
N VAL D 24 -16.62 -6.45 -2.04
CA VAL D 24 -17.73 -5.66 -2.55
C VAL D 24 -17.31 -5.20 -3.94
N MET D 25 -18.04 -5.64 -4.97
CA MET D 25 -17.65 -5.49 -6.36
C MET D 25 -18.66 -4.65 -7.13
N THR D 26 -18.19 -3.94 -8.15
CA THR D 26 -19.14 -3.40 -9.11
C THR D 26 -19.36 -4.40 -10.24
N ARG D 27 -20.48 -4.25 -10.94
CA ARG D 27 -20.80 -5.23 -11.96
C ARG D 27 -20.02 -4.94 -13.25
N ARG D 28 -20.09 -5.88 -14.18
CA ARG D 28 -19.26 -5.83 -15.38
C ARG D 28 -19.38 -4.50 -16.13
N LEU D 29 -20.45 -3.73 -15.89
CA LEU D 29 -20.64 -2.47 -16.60
C LEU D 29 -19.57 -1.44 -16.25
N LEU D 30 -19.06 -1.49 -15.01
CA LEU D 30 -18.11 -0.49 -14.51
C LEU D 30 -16.68 -1.03 -14.44
N GLY D 31 -16.41 -2.18 -15.04
CA GLY D 31 -15.08 -2.76 -15.03
C GLY D 31 -14.92 -3.91 -14.06
N SER D 32 -15.94 -4.22 -13.25
CA SER D 32 -15.88 -5.27 -12.23
C SER D 32 -14.75 -4.97 -11.24
N THR D 33 -14.84 -3.81 -10.62
CA THR D 33 -13.82 -3.34 -9.70
C THR D 33 -14.20 -3.71 -8.27
N GLN D 34 -13.19 -4.03 -7.47
CA GLN D 34 -13.42 -4.13 -6.04
C GLN D 34 -13.42 -2.74 -5.43
N VAL D 35 -14.56 -2.33 -4.87
CA VAL D 35 -14.64 -1.03 -4.19
C VAL D 35 -14.54 -1.15 -2.69
N GLY D 36 -14.66 -2.35 -2.13
CA GLY D 36 -14.49 -2.49 -0.70
C GLY D 36 -14.60 -3.94 -0.30
N VAL D 37 -14.80 -4.13 0.99
CA VAL D 37 -14.80 -5.41 1.66
C VAL D 37 -15.81 -5.32 2.80
N GLY D 38 -16.33 -6.45 3.24
CA GLY D 38 -17.12 -6.43 4.46
C GLY D 38 -17.18 -7.78 5.12
N VAL D 39 -17.88 -7.82 6.25
CA VAL D 39 -17.93 -8.97 7.15
C VAL D 39 -19.37 -9.46 7.22
N MET D 40 -19.59 -10.73 6.88
CA MET D 40 -20.87 -11.38 7.15
C MET D 40 -20.76 -12.09 8.49
N GLN D 41 -21.63 -11.75 9.44
CA GLN D 41 -21.61 -12.39 10.75
C GLN D 41 -23.02 -12.38 11.30
N GLU D 42 -23.49 -13.55 11.76
CA GLU D 42 -24.79 -13.67 12.39
C GLU D 42 -25.89 -13.16 11.46
N GLY D 43 -25.72 -13.38 10.15
CA GLY D 43 -26.73 -13.02 9.18
C GLY D 43 -26.73 -11.58 8.76
N VAL D 44 -25.77 -10.79 9.21
CA VAL D 44 -25.71 -9.36 8.93
C VAL D 44 -24.44 -9.07 8.17
N PHE D 45 -24.54 -8.21 7.14
CA PHE D 45 -23.35 -7.79 6.41
C PHE D 45 -22.92 -6.42 6.92
N HIS D 46 -21.63 -6.32 7.29
CA HIS D 46 -21.06 -5.12 7.90
C HIS D 46 -20.01 -4.53 6.95
N THR D 47 -20.15 -3.26 6.58
CA THR D 47 -19.08 -2.65 5.77
C THR D 47 -18.99 -1.17 6.14
N MET D 48 -18.18 -0.40 5.43
CA MET D 48 -18.03 1.03 5.72
C MET D 48 -18.97 1.84 4.81
N TRP D 49 -19.56 2.91 5.33
CA TRP D 49 -20.53 3.66 4.53
C TRP D 49 -19.94 4.18 3.21
N HIS D 50 -18.69 4.65 3.22
CA HIS D 50 -18.11 5.21 1.99
C HIS D 50 -17.90 4.17 0.90
N VAL D 51 -17.96 2.89 1.23
CA VAL D 51 -17.85 1.84 0.20
C VAL D 51 -19.13 1.76 -0.63
N THR D 52 -20.29 1.67 0.03
CA THR D 52 -21.55 1.44 -0.67
C THR D 52 -22.46 2.66 -0.72
N LYS D 53 -22.23 3.65 0.13
CA LYS D 53 -23.12 4.80 0.26
C LYS D 53 -24.55 4.37 0.57
N GLY D 54 -24.69 3.23 1.24
CA GLY D 54 -26.00 2.73 1.62
C GLY D 54 -26.79 2.05 0.53
N ALA D 55 -26.21 1.85 -0.66
CA ALA D 55 -26.91 1.21 -1.76
C ALA D 55 -27.16 -0.27 -1.47
N ALA D 56 -28.21 -0.81 -2.07
CA ALA D 56 -28.49 -2.23 -1.96
C ALA D 56 -27.39 -3.06 -2.63
N LEU D 57 -27.24 -4.29 -2.14
CA LEU D 57 -26.21 -5.20 -2.61
C LEU D 57 -26.81 -6.50 -3.12
N ARG D 58 -26.25 -7.03 -4.20
CA ARG D 58 -26.63 -8.34 -4.69
C ARG D 58 -25.80 -9.40 -3.98
N SER D 59 -26.44 -10.50 -3.59
CA SER D 59 -25.73 -11.62 -2.98
C SER D 59 -26.26 -12.89 -3.63
N GLY D 60 -25.52 -13.42 -4.58
CA GLY D 60 -26.08 -14.50 -5.38
C GLY D 60 -27.32 -13.99 -6.07
N GLU D 61 -28.46 -14.63 -5.81
CA GLU D 61 -29.72 -14.20 -6.38
C GLU D 61 -30.55 -13.36 -5.42
N GLY D 62 -30.07 -13.16 -4.16
CA GLY D 62 -30.76 -12.34 -3.20
C GLY D 62 -30.33 -10.88 -3.25
N ARG D 63 -31.11 -10.04 -2.57
CA ARG D 63 -30.78 -8.63 -2.43
C ARG D 63 -30.62 -8.29 -0.95
N LEU D 64 -29.57 -7.56 -0.61
CA LEU D 64 -29.34 -7.12 0.75
C LEU D 64 -29.66 -5.63 0.87
N ASP D 65 -30.53 -5.29 1.81
CA ASP D 65 -30.93 -3.91 2.04
C ASP D 65 -30.29 -3.34 3.31
N PRO D 66 -29.97 -2.06 3.30
CA PRO D 66 -29.40 -1.44 4.49
C PRO D 66 -30.39 -1.43 5.63
N TYR D 67 -29.85 -1.61 6.83
CA TYR D 67 -30.62 -1.65 8.05
C TYR D 67 -30.26 -0.57 9.05
N TRP D 68 -28.97 -0.29 9.23
CA TRP D 68 -28.49 0.78 10.08
C TRP D 68 -27.29 1.42 9.39
N GLY D 69 -27.13 2.73 9.51
CA GLY D 69 -25.92 3.34 8.99
C GLY D 69 -25.68 4.70 9.60
N ASP D 70 -24.43 5.15 9.53
CA ASP D 70 -24.06 6.44 10.11
C ASP D 70 -22.88 6.99 9.34
N VAL D 71 -23.08 8.13 8.66
CA VAL D 71 -22.04 8.70 7.82
C VAL D 71 -20.82 9.09 8.64
N LYS D 72 -21.03 9.62 9.85
CA LYS D 72 -19.90 10.13 10.60
C LYS D 72 -19.01 9.02 11.12
N GLN D 73 -19.63 7.96 11.64
CA GLN D 73 -18.88 6.76 12.02
C GLN D 73 -18.35 6.01 10.80
N ASP D 74 -18.93 6.27 9.62
CA ASP D 74 -18.57 5.62 8.35
C ASP D 74 -18.84 4.12 8.37
N LEU D 75 -20.01 3.70 8.91
CA LEU D 75 -20.37 2.29 8.99
C LEU D 75 -21.80 2.07 8.51
N VAL D 76 -22.06 0.84 8.04
CA VAL D 76 -23.40 0.46 7.59
C VAL D 76 -23.56 -1.04 7.80
N SER D 77 -24.76 -1.46 8.19
CA SER D 77 -25.09 -2.87 8.30
C SER D 77 -26.28 -3.15 7.39
N TYR D 78 -26.31 -4.37 6.86
CA TYR D 78 -27.35 -4.88 5.97
C TYR D 78 -28.00 -6.09 6.60
N CYS D 79 -29.32 -6.21 6.46
CA CYS D 79 -30.14 -7.35 6.85
C CYS D 79 -30.45 -7.38 8.34
N GLY D 80 -29.82 -6.55 9.15
CA GLY D 80 -30.05 -6.57 10.57
C GLY D 80 -29.09 -5.64 11.28
N PRO D 81 -29.17 -5.58 12.60
CA PRO D 81 -28.36 -4.59 13.32
C PRO D 81 -26.90 -4.98 13.41
N TRP D 82 -26.06 -3.97 13.63
CA TRP D 82 -24.63 -4.19 13.78
C TRP D 82 -24.37 -5.22 14.87
N LYS D 83 -23.56 -6.23 14.54
CA LYS D 83 -23.32 -7.36 15.43
C LYS D 83 -21.95 -7.35 16.10
N LEU D 84 -21.04 -6.51 15.64
CA LEU D 84 -19.64 -6.63 16.04
C LEU D 84 -19.38 -5.69 17.20
N ASP D 85 -19.04 -6.25 18.37
CA ASP D 85 -18.78 -5.34 19.48
C ASP D 85 -17.52 -5.64 20.27
N ALA D 86 -16.63 -6.53 19.80
CA ALA D 86 -15.35 -6.65 20.48
C ALA D 86 -14.54 -5.36 20.31
N ALA D 87 -13.75 -5.03 21.33
CA ALA D 87 -12.94 -3.81 21.35
C ALA D 87 -11.47 -4.17 21.43
N TRP D 88 -10.63 -3.37 20.76
CA TRP D 88 -9.20 -3.44 21.03
C TRP D 88 -8.98 -3.19 22.51
N ASP D 89 -8.13 -4.01 23.14
CA ASP D 89 -7.88 -3.85 24.56
C ASP D 89 -6.86 -2.77 24.88
N GLY D 90 -6.34 -2.07 23.86
CA GLY D 90 -5.36 -1.02 24.07
C GLY D 90 -3.95 -1.50 24.35
N LEU D 91 -3.72 -2.77 24.30
CA LEU D 91 -2.49 -3.35 24.81
C LEU D 91 -1.87 -4.36 23.87
N SER D 92 -2.68 -5.21 23.24
CA SER D 92 -2.22 -6.35 22.48
C SER D 92 -2.11 -6.03 21.00
N GLU D 93 -1.26 -6.80 20.33
CA GLU D 93 -1.23 -6.80 18.88
C GLU D 93 -2.54 -7.36 18.34
N VAL D 94 -2.84 -6.97 17.10
CA VAL D 94 -4.07 -7.32 16.41
C VAL D 94 -3.67 -7.81 15.02
N GLN D 95 -4.64 -8.29 14.27
CA GLN D 95 -4.38 -8.69 12.88
C GLN D 95 -5.39 -8.03 11.94
N LEU D 96 -4.86 -7.40 10.90
CA LEU D 96 -5.71 -7.00 9.78
C LEU D 96 -5.88 -8.20 8.85
N LEU D 97 -7.12 -8.59 8.60
CA LEU D 97 -7.38 -9.63 7.59
C LEU D 97 -7.61 -8.84 6.30
N ALA D 98 -6.50 -8.48 5.66
CA ALA D 98 -6.57 -7.61 4.49
C ALA D 98 -7.10 -8.38 3.27
N VAL D 99 -8.06 -7.77 2.57
CA VAL D 99 -8.57 -8.39 1.35
C VAL D 99 -8.34 -7.39 0.22
N PRO D 100 -7.11 -7.34 -0.33
CA PRO D 100 -6.82 -6.34 -1.35
C PRO D 100 -7.41 -6.72 -2.69
N PRO D 101 -7.82 -5.75 -3.49
CA PRO D 101 -8.23 -6.05 -4.87
C PRO D 101 -7.23 -6.93 -5.59
N GLY D 102 -7.73 -8.02 -6.17
CA GLY D 102 -6.94 -8.93 -6.99
C GLY D 102 -5.97 -9.80 -6.24
N GLU D 103 -6.06 -9.86 -4.92
CA GLU D 103 -5.15 -10.66 -4.12
C GLU D 103 -5.92 -11.47 -3.11
N ARG D 104 -5.38 -12.66 -2.80
CA ARG D 104 -5.93 -13.51 -1.76
C ARG D 104 -5.91 -12.80 -0.41
N ALA D 105 -6.93 -13.07 0.41
CA ALA D 105 -6.95 -12.56 1.78
C ALA D 105 -5.69 -13.00 2.54
N LYS D 106 -5.11 -12.07 3.30
CA LYS D 106 -3.94 -12.41 4.10
C LYS D 106 -4.01 -11.70 5.45
N ASN D 107 -3.44 -12.34 6.48
CA ASN D 107 -3.41 -11.74 7.81
C ASN D 107 -2.10 -10.98 8.01
N ILE D 108 -2.19 -9.76 8.52
CA ILE D 108 -1.03 -8.95 8.87
C ILE D 108 -1.15 -8.55 10.34
N GLN D 109 -0.16 -8.92 11.16
CA GLN D 109 -0.18 -8.62 12.58
C GLN D 109 0.54 -7.29 12.86
N THR D 110 0.01 -6.51 13.81
CA THR D 110 0.57 -5.19 14.09
C THR D 110 0.19 -4.77 15.49
N LEU D 111 0.97 -3.83 16.06
CA LEU D 111 0.53 -3.13 17.27
C LEU D 111 -0.06 -1.78 16.88
N PRO D 112 -1.33 -1.54 17.13
CA PRO D 112 -1.92 -0.25 16.77
C PRO D 112 -1.23 0.91 17.48
N GLY D 113 -1.24 2.05 16.79
CA GLY D 113 -1.08 3.35 17.41
C GLY D 113 -2.42 3.90 17.81
N ILE D 114 -2.51 5.23 17.86
CA ILE D 114 -3.64 5.91 18.48
C ILE D 114 -3.98 7.14 17.67
N PHE D 115 -5.25 7.30 17.30
CA PHE D 115 -5.81 8.58 16.87
C PHE D 115 -6.29 9.33 18.10
N LYS D 116 -5.70 10.49 18.40
CA LYS D 116 -6.14 11.32 19.50
C LYS D 116 -7.06 12.40 18.97
N THR D 117 -8.28 12.47 19.49
CA THR D 117 -9.26 13.44 19.06
C THR D 117 -9.80 14.17 20.28
N LYS D 118 -10.56 15.24 20.02
CA LYS D 118 -11.14 16.01 21.11
C LYS D 118 -12.17 15.21 21.90
N ASP D 119 -12.65 14.09 21.37
CA ASP D 119 -13.65 13.26 22.00
C ASP D 119 -13.10 11.93 22.49
N GLY D 120 -11.78 11.78 22.55
CA GLY D 120 -11.18 10.56 23.04
C GLY D 120 -10.30 9.88 21.99
N ASP D 121 -9.62 8.84 22.46
CA ASP D 121 -8.63 8.12 21.68
C ASP D 121 -9.25 6.89 21.02
N ILE D 122 -8.75 6.59 19.81
CA ILE D 122 -9.16 5.45 19.02
C ILE D 122 -7.89 4.72 18.62
N GLY D 123 -7.91 3.39 18.64
CA GLY D 123 -6.80 2.65 18.04
C GLY D 123 -6.72 2.91 16.54
N ALA D 124 -5.51 2.80 16.01
CA ALA D 124 -5.24 3.10 14.61
C ALA D 124 -4.15 2.15 14.12
N VAL D 125 -4.28 1.63 12.90
CA VAL D 125 -3.27 0.72 12.36
C VAL D 125 -2.55 1.36 11.19
N ALA D 126 -1.21 1.31 11.24
CA ALA D 126 -0.34 1.89 10.22
C ALA D 126 0.03 0.82 9.20
N LEU D 127 -0.98 0.45 8.40
CA LEU D 127 -0.86 -0.54 7.34
C LEU D 127 -1.47 0.05 6.08
N ASP D 128 -0.78 -0.12 4.95
CA ASP D 128 -1.01 0.66 3.73
C ASP D 128 -1.45 -0.26 2.59
N TYR D 129 -2.73 -0.16 2.21
CA TYR D 129 -3.37 -0.97 1.17
C TYR D 129 -4.20 -0.07 0.27
N PRO D 130 -4.56 -0.54 -0.93
CA PRO D 130 -5.42 0.27 -1.81
C PRO D 130 -6.77 0.57 -1.19
N ALA D 131 -7.38 1.64 -1.71
CA ALA D 131 -8.68 2.07 -1.23
C ALA D 131 -9.73 0.95 -1.23
N GLY D 132 -9.69 0.05 -2.25
CA GLY D 132 -10.71 -1.00 -2.29
C GLY D 132 -10.57 -2.07 -1.24
N THR D 133 -9.56 -1.96 -0.37
CA THR D 133 -9.40 -2.81 0.81
C THR D 133 -10.27 -2.33 1.98
N SER D 134 -10.88 -1.16 1.85
CA SER D 134 -11.71 -0.61 2.93
C SER D 134 -12.83 -1.57 3.29
N GLY D 135 -13.03 -1.75 4.60
CA GLY D 135 -13.98 -2.69 5.12
C GLY D 135 -13.39 -4.01 5.57
N SER D 136 -12.09 -4.23 5.32
CA SER D 136 -11.44 -5.45 5.80
C SER D 136 -11.45 -5.47 7.33
N PRO D 137 -11.70 -6.62 7.94
CA PRO D 137 -11.80 -6.69 9.41
C PRO D 137 -10.44 -6.70 10.11
N ILE D 138 -10.42 -6.09 11.30
CA ILE D 138 -9.30 -6.13 12.22
C ILE D 138 -9.71 -7.04 13.37
N LEU D 139 -8.79 -7.91 13.78
CA LEU D 139 -9.12 -9.04 14.67
C LEU D 139 -8.29 -9.02 15.96
N ASP D 140 -8.91 -9.44 17.07
CA ASP D 140 -8.15 -9.74 18.28
C ASP D 140 -7.69 -11.21 18.27
N LYS D 141 -6.88 -11.58 19.27
CA LYS D 141 -6.29 -12.92 19.28
C LYS D 141 -7.31 -14.05 19.33
N SER D 142 -8.53 -13.79 19.80
CA SER D 142 -9.55 -14.83 19.76
C SER D 142 -10.30 -14.87 18.44
N GLY D 143 -9.90 -14.06 17.46
CA GLY D 143 -10.54 -14.09 16.16
C GLY D 143 -11.80 -13.24 16.06
N ARG D 144 -12.12 -12.47 17.10
CA ARG D 144 -13.26 -11.56 17.04
C ARG D 144 -12.90 -10.29 16.27
N VAL D 145 -13.90 -9.75 15.56
CA VAL D 145 -13.70 -8.52 14.79
C VAL D 145 -13.81 -7.32 15.72
N ILE D 146 -12.70 -6.59 15.89
CA ILE D 146 -12.65 -5.41 16.75
C ILE D 146 -12.87 -4.12 15.98
N GLY D 147 -13.03 -4.19 14.67
CA GLY D 147 -13.38 -3.02 13.90
C GLY D 147 -13.06 -3.27 12.43
N LEU D 148 -13.41 -2.29 11.60
CA LEU D 148 -13.09 -2.34 10.16
C LEU D 148 -12.02 -1.32 9.81
N TYR D 149 -11.14 -1.75 8.88
CA TYR D 149 -10.03 -0.98 8.34
C TYR D 149 -10.48 -0.16 7.14
N GLY D 150 -10.10 1.13 7.09
CA GLY D 150 -10.26 1.85 5.85
C GLY D 150 -10.80 3.27 5.94
N ASN D 151 -10.99 3.81 7.15
CA ASN D 151 -11.27 5.23 7.32
C ASN D 151 -10.11 5.82 8.11
N GLY D 152 -9.34 6.71 7.49
CA GLY D 152 -8.06 7.09 8.04
C GLY D 152 -7.50 8.36 7.44
N VAL D 153 -6.17 8.45 7.43
CA VAL D 153 -5.47 9.66 6.99
C VAL D 153 -4.19 9.25 6.26
N VAL D 154 -3.78 10.10 5.34
CA VAL D 154 -2.47 10.00 4.70
C VAL D 154 -1.56 10.99 5.39
N ILE D 155 -0.41 10.52 5.89
CA ILE D 155 0.50 11.38 6.61
C ILE D 155 1.58 11.93 5.67
N LYS D 156 2.52 12.68 6.22
CA LYS D 156 3.37 13.52 5.39
C LYS D 156 4.28 12.71 4.47
N ASN D 157 4.72 11.52 4.90
CA ASN D 157 5.62 10.73 4.06
C ASN D 157 4.85 9.89 3.06
N GLY D 158 3.55 10.12 2.94
CA GLY D 158 2.72 9.45 1.96
C GLY D 158 2.06 8.18 2.43
N SER D 159 2.46 7.64 3.58
CA SER D 159 1.87 6.39 4.06
C SER D 159 0.47 6.61 4.64
N TYR D 160 -0.22 5.50 4.87
CA TYR D 160 -1.61 5.52 5.29
C TYR D 160 -1.77 4.96 6.70
N VAL D 161 -2.63 5.60 7.49
CA VAL D 161 -2.97 5.11 8.83
C VAL D 161 -4.49 5.07 8.94
N SER D 162 -5.03 3.91 9.34
CA SER D 162 -6.48 3.70 9.46
C SER D 162 -6.94 3.69 10.92
N ALA D 163 -8.07 4.35 11.20
CA ALA D 163 -8.73 4.08 12.48
C ALA D 163 -9.15 2.62 12.56
N ILE D 164 -9.24 2.11 13.79
CA ILE D 164 -9.97 0.86 14.07
C ILE D 164 -11.42 1.28 14.32
N THR D 165 -12.28 1.18 13.29
CA THR D 165 -13.63 1.74 13.35
C THR D 165 -14.59 0.64 13.77
N GLN D 166 -15.23 0.81 14.93
CA GLN D 166 -16.13 -0.22 15.44
C GLN D 166 -17.48 0.42 15.72
N GLY D 167 -18.55 -0.35 15.49
CA GLY D 167 -19.90 0.10 15.76
C GLY D 167 -20.37 -0.36 17.13
N LYS D 168 -21.65 -0.18 17.37
CA LYS D 168 -22.25 -0.57 18.63
C LYS D 168 -23.23 -1.72 18.40
N ARG D 169 -23.17 -2.72 19.28
CA ARG D 169 -24.19 -3.77 19.30
C ARG D 169 -25.28 -3.37 20.27
N GLU D 170 -26.46 -3.05 19.74
CA GLU D 170 -27.58 -2.63 20.57
C GLU D 170 -28.03 -3.69 21.57
#